data_6FMQ
#
_entry.id   6FMQ
#
_cell.length_a   75.652
_cell.length_b   76.129
_cell.length_c   211.137
_cell.angle_alpha   90.00
_cell.angle_beta   90.00
_cell.angle_gamma   90.00
#
_symmetry.space_group_name_H-M   'P 21 21 21'
#
loop_
_entity.id
_entity.type
_entity.pdbx_description
1 polymer 'Kelch-like ECH-associated protein 1'
2 polymer ACY-SC1-GLU-THR-GLY-GLU-LEU
3 non-polymer 1,2-ETHANEDIOL
4 non-polymer 'ACETATE ION'
5 non-polymer 'SODIUM ION'
6 water water
#
loop_
_entity_poly.entity_id
_entity_poly.type
_entity_poly.pdbx_seq_one_letter_code
_entity_poly.pdbx_strand_id
1 'polypeptide(L)'
;MAMGSSHHHHHHHHSSGLVPRGSHMASMSDSEVNQEAKPEVKPEVKPETHINLKVSDGSSEIFFKIKKTTPLRRLMEAFA
KRQGKEMDSLRFLYDGIRIQADQTPEDLDMEDNDIIEAHREQIGGAPKVGRLIYTAGGYFRQSLSYLEAYNPSDGTWLRL
ADLQVPRSGLAGCVVGGLLYAVGGRNNSPDGNTDSSALDCYNPMTNQWSPCAPMSVPRNRIGVGVIDGHIYAVGGSHGCI
HHNSVERYEPERDEWHLVAPMLTRRIGVGVAVLNRLLYAVGGFDGTNRLNSAECYYPERNEWRMITAMNTIRSGAGVCVL
HNCIYAAGGYDGQDQLNSVERYDVETETWTFVAPMKHRRSALGITVHQGRIYVLGGYDGHTFLDSVECYDPDTDTWSEVT
RMTSGRSGVGVAVT
;
A,B
2 'polypeptide(L)' (ACE)(DYW)ETGEL D
#
# COMPACT_ATOMS: atom_id res chain seq x y z
N GLY A 130 24.67 30.14 -10.77
CA GLY A 130 24.95 29.04 -9.85
C GLY A 130 23.69 28.44 -9.21
N ARG A 131 22.84 27.83 -10.02
N ARG A 131 22.87 27.82 -10.06
CA ARG A 131 21.59 27.30 -9.49
CA ARG A 131 21.65 27.17 -9.61
C ARG A 131 21.80 25.86 -9.01
C ARG A 131 21.98 25.87 -8.87
N LEU A 132 21.16 25.53 -7.88
CA LEU A 132 21.28 24.23 -7.23
C LEU A 132 20.07 23.35 -7.53
N ILE A 133 20.29 22.05 -7.52
CA ILE A 133 19.21 21.07 -7.57
C ILE A 133 18.83 20.69 -6.13
N TYR A 134 17.63 21.08 -5.71
CA TYR A 134 17.14 20.74 -4.39
C TYR A 134 16.35 19.44 -4.41
N THR A 135 16.54 18.61 -3.39
CA THR A 135 15.73 17.41 -3.20
C THR A 135 15.19 17.41 -1.79
N ALA A 136 13.88 17.22 -1.66
CA ALA A 136 13.16 17.35 -0.39
C ALA A 136 12.39 16.08 -0.10
N GLY A 137 12.45 15.63 1.16
CA GLY A 137 11.65 14.52 1.64
C GLY A 137 12.02 13.18 1.00
N GLY A 138 11.02 12.31 0.85
CA GLY A 138 11.26 11.02 0.23
C GLY A 138 10.94 9.87 1.17
N TYR A 139 11.45 8.68 0.86
CA TYR A 139 11.00 7.45 1.50
C TYR A 139 12.16 6.47 1.53
N PHE A 140 12.53 6.05 2.75
CA PHE A 140 13.42 4.90 2.94
C PHE A 140 13.00 4.24 4.25
N ARG A 141 12.23 3.15 4.14
N ARG A 141 12.15 3.15 4.19
CA ARG A 141 11.59 2.50 5.30
CA ARG A 141 11.50 2.50 5.35
C ARG A 141 10.52 3.36 5.97
C ARG A 141 10.43 3.36 6.02
N GLN A 142 10.52 4.67 5.74
CA GLN A 142 9.49 5.58 6.22
C GLN A 142 9.69 6.94 5.55
N SER A 143 8.71 7.81 5.70
N SER A 143 8.70 7.80 5.68
CA SER A 143 8.81 9.15 5.15
CA SER A 143 8.82 9.14 5.13
C SER A 143 9.99 9.90 5.77
C SER A 143 10.02 9.86 5.76
N LEU A 144 10.67 10.70 4.96
CA LEU A 144 11.91 11.37 5.32
C LEU A 144 11.76 12.88 5.38
N SER A 145 12.67 13.53 6.10
N SER A 145 12.66 13.54 6.11
CA SER A 145 12.63 14.97 6.30
CA SER A 145 12.59 14.98 6.27
C SER A 145 13.75 15.72 5.58
C SER A 145 13.76 15.72 5.60
N TYR A 146 14.64 15.03 4.89
CA TYR A 146 15.84 15.68 4.33
C TYR A 146 15.49 16.80 3.37
N LEU A 147 16.26 17.88 3.41
CA LEU A 147 16.38 18.81 2.30
C LEU A 147 17.85 18.93 1.98
N GLU A 148 18.23 18.58 0.77
CA GLU A 148 19.62 18.64 0.39
C GLU A 148 19.70 19.28 -0.99
N ALA A 149 20.87 19.77 -1.34
CA ALA A 149 21.00 20.49 -2.60
C ALA A 149 22.31 20.13 -3.25
N TYR A 150 22.22 19.75 -4.53
CA TYR A 150 23.36 19.35 -5.32
C TYR A 150 23.80 20.53 -6.17
N ASN A 151 25.11 20.75 -6.22
CA ASN A 151 25.67 21.76 -7.12
C ASN A 151 26.33 21.04 -8.28
N PRO A 152 25.72 21.01 -9.47
CA PRO A 152 26.32 20.27 -10.58
C PRO A 152 27.64 20.84 -11.06
N SER A 153 27.91 22.13 -10.81
N SER A 153 27.93 22.12 -10.78
CA SER A 153 29.17 22.72 -11.23
CA SER A 153 29.18 22.72 -11.25
C SER A 153 30.35 22.09 -10.50
C SER A 153 30.38 22.16 -10.50
N ASP A 154 30.30 22.08 -9.16
CA ASP A 154 31.40 21.54 -8.37
C ASP A 154 31.12 20.16 -7.75
N GLY A 155 29.92 19.60 -7.95
CA GLY A 155 29.67 18.23 -7.50
C GLY A 155 29.46 18.01 -6.01
N THR A 156 29.22 19.06 -5.24
CA THR A 156 28.99 18.93 -3.81
C THR A 156 27.51 18.93 -3.46
N TRP A 157 27.22 18.36 -2.29
CA TRP A 157 25.91 18.37 -1.66
C TRP A 157 25.88 19.27 -0.43
N LEU A 158 24.83 20.06 -0.30
CA LEU A 158 24.55 20.83 0.89
C LEU A 158 23.45 20.18 1.71
N ARG A 159 23.61 20.15 3.04
CA ARG A 159 22.57 19.69 3.94
C ARG A 159 21.88 20.92 4.51
N LEU A 160 20.62 21.12 4.14
CA LEU A 160 19.83 22.29 4.52
C LEU A 160 18.87 21.92 5.62
N ALA A 161 18.06 22.88 6.04
CA ALA A 161 17.13 22.66 7.13
C ALA A 161 16.09 21.61 6.77
N ASP A 162 15.80 20.71 7.72
CA ASP A 162 14.82 19.64 7.54
C ASP A 162 13.42 20.19 7.36
N LEU A 163 12.63 19.51 6.53
CA LEU A 163 11.19 19.68 6.55
C LEU A 163 10.69 19.58 7.97
N GLN A 164 9.69 20.38 8.33
CA GLN A 164 9.14 20.22 9.67
C GLN A 164 8.38 18.91 9.82
N VAL A 165 7.82 18.36 8.73
CA VAL A 165 7.04 17.13 8.77
C VAL A 165 7.59 16.19 7.70
N PRO A 166 8.11 15.02 8.06
CA PRO A 166 8.62 14.10 7.03
C PRO A 166 7.51 13.76 6.05
N ARG A 167 7.84 13.73 4.75
CA ARG A 167 6.85 13.25 3.80
C ARG A 167 7.53 12.61 2.60
N SER A 168 6.83 11.62 2.05
CA SER A 168 7.19 11.02 0.79
C SER A 168 6.04 11.30 -0.17
N GLY A 169 6.28 11.10 -1.44
CA GLY A 169 5.23 11.32 -2.43
C GLY A 169 4.87 12.77 -2.65
N LEU A 170 5.68 13.70 -2.20
CA LEU A 170 5.43 15.12 -2.34
C LEU A 170 6.01 15.63 -3.66
N ALA A 171 5.69 16.86 -4.02
CA ALA A 171 6.35 17.42 -5.18
C ALA A 171 7.01 18.72 -4.79
N GLY A 172 8.06 19.10 -5.54
CA GLY A 172 8.68 20.39 -5.34
C GLY A 172 8.62 21.30 -6.55
N CYS A 173 8.73 22.59 -6.33
CA CYS A 173 8.82 23.54 -7.42
C CYS A 173 9.32 24.85 -6.83
N VAL A 174 9.76 25.73 -7.71
CA VAL A 174 10.32 27.00 -7.30
C VAL A 174 9.49 28.10 -7.95
N VAL A 175 9.10 29.09 -7.15
CA VAL A 175 8.46 30.31 -7.65
C VAL A 175 9.12 31.52 -6.97
N GLY A 176 9.64 32.43 -7.78
CA GLY A 176 10.23 33.65 -7.22
C GLY A 176 11.37 33.35 -6.30
N GLY A 177 12.26 32.43 -6.69
CA GLY A 177 13.35 32.07 -5.81
C GLY A 177 13.00 31.32 -4.52
N LEU A 178 11.72 31.14 -4.15
CA LEU A 178 11.36 30.29 -3.00
C LEU A 178 11.07 28.86 -3.46
N LEU A 179 11.44 27.88 -2.62
CA LEU A 179 11.18 26.46 -2.87
C LEU A 179 9.88 26.06 -2.18
N TYR A 180 9.00 25.37 -2.90
CA TYR A 180 7.75 24.91 -2.31
C TYR A 180 7.72 23.39 -2.27
N ALA A 181 7.23 22.85 -1.15
CA ALA A 181 7.03 21.42 -0.97
C ALA A 181 5.54 21.18 -0.79
N VAL A 182 4.94 20.35 -1.65
CA VAL A 182 3.49 20.26 -1.80
C VAL A 182 3.03 18.81 -1.57
N GLY A 183 2.09 18.62 -0.66
CA GLY A 183 1.43 17.32 -0.60
C GLY A 183 2.32 16.20 -0.05
N GLY A 184 1.98 14.97 -0.38
CA GLY A 184 2.76 13.84 0.08
C GLY A 184 2.09 13.09 1.22
N ARG A 185 2.90 12.27 1.91
CA ARG A 185 2.36 11.36 2.92
C ARG A 185 3.35 11.24 4.08
N ASN A 186 2.84 11.31 5.30
CA ASN A 186 3.66 11.18 6.50
C ASN A 186 3.40 9.83 7.18
N ASN A 187 4.49 9.15 7.53
CA ASN A 187 4.45 7.99 8.42
C ASN A 187 4.86 8.40 9.83
N SER A 188 4.01 8.13 10.80
CA SER A 188 4.32 8.47 12.18
C SER A 188 4.01 7.29 13.08
N PRO A 189 4.52 7.28 14.31
CA PRO A 189 4.18 6.18 15.24
C PRO A 189 2.70 5.88 15.32
N ASP A 190 1.85 6.91 15.22
CA ASP A 190 0.40 6.77 15.38
C ASP A 190 -0.29 6.26 14.13
N GLY A 191 0.31 6.42 12.96
CA GLY A 191 -0.32 6.00 11.73
C GLY A 191 0.15 6.86 10.58
N ASN A 192 -0.53 6.70 9.46
CA ASN A 192 -0.21 7.34 8.21
C ASN A 192 -1.19 8.48 7.97
N THR A 193 -0.69 9.57 7.40
CA THR A 193 -1.46 10.78 7.14
C THR A 193 -1.05 11.33 5.78
N ASP A 194 -1.98 11.34 4.83
CA ASP A 194 -1.74 12.05 3.58
C ASP A 194 -1.82 13.55 3.84
N SER A 195 -1.03 14.32 3.10
CA SER A 195 -0.77 15.70 3.43
C SER A 195 -1.47 16.65 2.46
N SER A 196 -2.12 17.66 3.01
CA SER A 196 -2.57 18.81 2.22
C SER A 196 -1.65 20.03 2.36
N ALA A 197 -0.46 19.85 2.97
CA ALA A 197 0.40 20.97 3.33
C ALA A 197 1.11 21.56 2.12
N LEU A 198 1.34 22.88 2.20
CA LEU A 198 2.23 23.61 1.30
C LEU A 198 3.23 24.30 2.21
N ASP A 199 4.50 24.02 2.01
CA ASP A 199 5.52 24.62 2.84
C ASP A 199 6.49 25.32 1.92
N CYS A 200 7.02 26.43 2.42
N CYS A 200 7.02 26.45 2.36
CA CYS A 200 7.91 27.28 1.64
CA CYS A 200 7.92 27.21 1.53
C CYS A 200 9.28 27.36 2.30
C CYS A 200 9.26 27.40 2.25
N TYR A 201 10.32 27.09 1.53
CA TYR A 201 11.68 27.20 1.98
C TYR A 201 12.32 28.42 1.35
N ASN A 202 12.86 29.28 2.18
CA ASN A 202 13.64 30.41 1.68
C ASN A 202 15.12 30.11 1.78
N PRO A 203 15.82 29.92 0.66
CA PRO A 203 17.28 29.65 0.73
C PRO A 203 18.11 30.73 1.40
N MET A 204 17.63 31.98 1.45
CA MET A 204 18.39 33.06 2.08
C MET A 204 18.42 32.87 3.59
N THR A 205 17.31 32.45 4.17
CA THR A 205 17.22 32.29 5.60
C THR A 205 17.37 30.85 6.06
N ASN A 206 17.46 29.88 5.14
CA ASN A 206 17.52 28.46 5.51
C ASN A 206 16.38 28.06 6.44
N GLN A 207 15.21 28.64 6.22
CA GLN A 207 14.06 28.38 7.07
C GLN A 207 12.83 27.97 6.22
N TRP A 208 12.11 26.95 6.69
CA TRP A 208 10.80 26.59 6.15
C TRP A 208 9.71 27.36 6.86
N SER A 209 8.71 27.82 6.09
CA SER A 209 7.50 28.41 6.68
C SER A 209 6.26 27.74 6.07
N PRO A 210 5.20 27.56 6.86
CA PRO A 210 3.96 27.02 6.31
C PRO A 210 3.20 28.06 5.49
N CYS A 211 2.59 27.60 4.41
CA CYS A 211 1.68 28.42 3.64
C CYS A 211 0.27 27.84 3.72
N ALA A 212 -0.65 28.44 2.99
CA ALA A 212 -2.03 27.97 3.02
C ALA A 212 -2.10 26.52 2.51
N PRO A 213 -2.87 25.66 3.17
CA PRO A 213 -2.94 24.27 2.73
C PRO A 213 -3.93 24.10 1.58
N MET A 214 -3.73 23.02 0.82
CA MET A 214 -4.64 22.69 -0.27
C MET A 214 -6.02 22.32 0.25
N SER A 215 -6.98 22.30 -0.67
CA SER A 215 -8.33 21.89 -0.32
C SER A 215 -8.38 20.43 0.16
N VAL A 216 -7.54 19.54 -0.38
CA VAL A 216 -7.58 18.14 0.03
C VAL A 216 -6.16 17.60 0.13
N PRO A 217 -5.95 16.57 0.94
CA PRO A 217 -4.65 15.89 0.96
C PRO A 217 -4.34 15.26 -0.39
N ARG A 218 -3.07 15.33 -0.81
CA ARG A 218 -2.66 14.76 -2.10
C ARG A 218 -1.32 14.05 -1.95
N ASN A 219 -1.36 12.73 -1.79
CA ASN A 219 -0.17 11.89 -1.82
C ASN A 219 0.07 11.47 -3.25
N ARG A 220 1.34 11.41 -3.64
CA ARG A 220 1.74 11.07 -5.02
C ARG A 220 1.12 12.07 -6.00
N ILE A 221 1.21 13.34 -5.58
CA ILE A 221 0.79 14.53 -6.33
C ILE A 221 1.72 14.80 -7.52
N GLY A 222 1.19 15.51 -8.52
CA GLY A 222 1.99 16.13 -9.55
C GLY A 222 1.85 17.64 -9.44
N VAL A 223 2.92 18.37 -9.81
CA VAL A 223 2.90 19.83 -9.71
C VAL A 223 3.52 20.44 -10.97
N GLY A 224 2.94 21.56 -11.43
CA GLY A 224 3.55 22.40 -12.44
C GLY A 224 3.28 23.85 -12.15
N VAL A 225 4.11 24.72 -12.74
CA VAL A 225 4.06 26.15 -12.48
C VAL A 225 3.80 26.89 -13.78
N ILE A 226 2.80 27.76 -13.79
CA ILE A 226 2.53 28.61 -14.96
C ILE A 226 2.36 30.03 -14.47
N ASP A 227 3.17 30.96 -14.98
CA ASP A 227 3.02 32.38 -14.66
C ASP A 227 3.11 32.62 -13.16
N GLY A 228 4.06 31.98 -12.48
CA GLY A 228 4.13 32.11 -11.03
C GLY A 228 3.00 31.51 -10.21
N HIS A 229 2.15 30.64 -10.79
CA HIS A 229 1.09 29.99 -10.01
C HIS A 229 1.38 28.49 -9.95
N ILE A 230 1.17 27.89 -8.77
CA ILE A 230 1.42 26.46 -8.58
C ILE A 230 0.14 25.67 -8.82
N TYR A 231 0.21 24.72 -9.73
CA TYR A 231 -0.88 23.80 -9.99
C TYR A 231 -0.59 22.48 -9.29
N ALA A 232 -1.49 22.06 -8.42
CA ALA A 232 -1.43 20.75 -7.78
C ALA A 232 -2.42 19.82 -8.49
N VAL A 233 -1.94 18.70 -9.04
CA VAL A 233 -2.82 17.84 -9.84
C VAL A 233 -2.89 16.42 -9.27
N GLY A 234 -4.12 15.96 -9.05
CA GLY A 234 -4.36 14.54 -8.74
C GLY A 234 -3.84 14.17 -7.36
N GLY A 235 -3.26 12.99 -7.27
CA GLY A 235 -2.83 12.48 -5.99
C GLY A 235 -3.97 11.77 -5.25
N SER A 236 -3.64 11.20 -4.09
CA SER A 236 -4.64 10.42 -3.36
C SER A 236 -4.76 10.89 -1.92
N HIS A 237 -5.95 10.63 -1.38
CA HIS A 237 -6.21 10.80 0.05
C HIS A 237 -6.79 9.46 0.52
N GLY A 238 -5.98 8.65 1.18
CA GLY A 238 -6.43 7.31 1.56
C GLY A 238 -6.81 6.52 0.33
N CYS A 239 -8.04 6.01 0.29
CA CYS A 239 -8.47 5.30 -0.91
C CYS A 239 -9.02 6.23 -2.00
N ILE A 240 -9.13 7.53 -1.74
CA ILE A 240 -9.66 8.44 -2.75
C ILE A 240 -8.59 8.80 -3.78
N HIS A 241 -8.86 8.56 -5.06
CA HIS A 241 -7.93 8.90 -6.13
C HIS A 241 -8.49 10.15 -6.82
N HIS A 242 -7.79 11.28 -6.70
CA HIS A 242 -8.34 12.57 -7.12
C HIS A 242 -8.22 12.78 -8.64
N ASN A 243 -9.26 13.37 -9.25
CA ASN A 243 -9.08 14.04 -10.52
C ASN A 243 -9.11 15.55 -10.39
N SER A 244 -9.32 16.09 -9.20
CA SER A 244 -9.34 17.52 -9.02
C SER A 244 -7.94 18.12 -9.14
N VAL A 245 -7.92 19.41 -9.44
CA VAL A 245 -6.71 20.19 -9.69
C VAL A 245 -6.96 21.53 -9.04
N GLU A 246 -5.96 22.07 -8.32
CA GLU A 246 -6.14 23.38 -7.74
C GLU A 246 -4.88 24.21 -7.95
N ARG A 247 -5.06 25.53 -7.83
N ARG A 247 -5.04 25.52 -7.84
CA ARG A 247 -4.06 26.52 -8.25
CA ARG A 247 -4.00 26.45 -8.25
C ARG A 247 -3.77 27.45 -7.09
C ARG A 247 -3.75 27.45 -7.13
N TYR A 248 -2.48 27.62 -6.79
CA TYR A 248 -2.03 28.48 -5.70
C TYR A 248 -1.47 29.78 -6.23
N GLU A 249 -1.84 30.90 -5.62
CA GLU A 249 -1.30 32.22 -5.95
C GLU A 249 -0.45 32.72 -4.79
N PRO A 250 0.87 32.66 -4.90
CA PRO A 250 1.74 33.16 -3.84
C PRO A 250 1.43 34.57 -3.36
N GLU A 251 1.05 35.48 -4.27
CA GLU A 251 0.86 36.89 -3.88
C GLU A 251 -0.33 37.07 -2.93
N ARG A 252 -1.31 36.17 -2.98
CA ARG A 252 -2.45 36.18 -2.06
C ARG A 252 -2.42 35.07 -1.01
N ASP A 253 -1.48 34.11 -1.12
CA ASP A 253 -1.44 32.91 -0.28
C ASP A 253 -2.79 32.21 -0.22
N GLU A 254 -3.31 31.84 -1.39
CA GLU A 254 -4.55 31.08 -1.38
C GLU A 254 -4.63 30.14 -2.61
N TRP A 255 -5.40 29.07 -2.42
CA TRP A 255 -5.65 28.01 -3.40
C TRP A 255 -7.07 28.13 -3.95
N HIS A 256 -7.24 27.87 -5.24
CA HIS A 256 -8.58 27.77 -5.84
C HIS A 256 -8.61 26.57 -6.77
N LEU A 257 -9.73 25.84 -6.75
CA LEU A 257 -9.89 24.74 -7.68
C LEU A 257 -10.06 25.23 -9.11
N VAL A 258 -9.51 24.50 -10.06
CA VAL A 258 -9.78 24.81 -11.46
C VAL A 258 -10.51 23.60 -12.03
N ALA A 259 -10.61 23.49 -13.35
CA ALA A 259 -11.35 22.38 -13.92
C ALA A 259 -10.65 21.04 -13.62
N PRO A 260 -11.41 20.00 -13.28
CA PRO A 260 -10.79 18.69 -12.97
C PRO A 260 -10.31 17.97 -14.20
N MET A 261 -9.33 17.08 -13.99
CA MET A 261 -8.88 16.26 -15.11
C MET A 261 -9.99 15.33 -15.59
N LEU A 262 -9.79 14.81 -16.80
CA LEU A 262 -10.68 13.81 -17.39
C LEU A 262 -10.54 12.45 -16.69
N THR A 263 -9.37 12.16 -16.12
CA THR A 263 -9.05 10.88 -15.50
C THR A 263 -8.53 11.11 -14.09
N ARG A 264 -8.99 10.31 -13.13
CA ARG A 264 -8.31 10.24 -11.82
C ARG A 264 -6.88 9.80 -12.02
N ARG A 265 -5.92 10.51 -11.38
CA ARG A 265 -4.51 10.12 -11.54
C ARG A 265 -3.75 10.38 -10.24
N ILE A 266 -3.07 9.34 -9.75
CA ILE A 266 -2.07 9.49 -8.72
C ILE A 266 -0.80 8.92 -9.29
N GLY A 267 0.34 9.38 -8.76
CA GLY A 267 1.59 9.00 -9.37
C GLY A 267 1.73 9.60 -10.74
N VAL A 268 1.11 10.75 -10.94
CA VAL A 268 1.04 11.42 -12.23
C VAL A 268 2.29 12.28 -12.41
N GLY A 269 2.84 12.31 -13.62
CA GLY A 269 3.90 13.28 -13.95
C GLY A 269 3.27 14.52 -14.59
N VAL A 270 3.81 15.69 -14.25
CA VAL A 270 3.28 16.95 -14.76
C VAL A 270 4.40 17.74 -15.42
N ALA A 271 4.11 18.36 -16.55
CA ALA A 271 5.07 19.15 -17.29
C ALA A 271 4.36 20.34 -17.90
N VAL A 272 5.08 21.46 -18.02
CA VAL A 272 4.52 22.72 -18.48
C VAL A 272 5.21 23.07 -19.78
N LEU A 273 4.43 23.28 -20.83
CA LEU A 273 5.03 23.55 -22.13
C LEU A 273 4.10 24.48 -22.90
N ASN A 274 4.64 25.57 -23.45
CA ASN A 274 3.84 26.50 -24.23
C ASN A 274 2.67 27.03 -23.42
N ARG A 275 2.91 27.25 -22.13
CA ARG A 275 1.90 27.77 -21.22
C ARG A 275 0.69 26.84 -21.06
N LEU A 276 0.86 25.57 -21.42
CA LEU A 276 -0.11 24.53 -21.17
C LEU A 276 0.45 23.55 -20.15
N LEU A 277 -0.45 22.89 -19.46
CA LEU A 277 -0.08 21.93 -18.44
C LEU A 277 -0.45 20.52 -18.90
N TYR A 278 0.51 19.61 -18.92
CA TYR A 278 0.32 18.23 -19.32
C TYR A 278 0.40 17.29 -18.11
N ALA A 279 -0.57 16.40 -17.98
CA ALA A 279 -0.56 15.35 -16.94
C ALA A 279 -0.40 14.02 -17.64
N VAL A 280 0.59 13.24 -17.22
CA VAL A 280 1.10 12.10 -17.97
C VAL A 280 1.07 10.86 -17.08
N GLY A 281 0.33 9.82 -17.49
CA GLY A 281 0.39 8.52 -16.84
C GLY A 281 -0.27 8.49 -15.47
N GLY A 282 0.21 7.60 -14.60
CA GLY A 282 -0.32 7.53 -13.26
C GLY A 282 -1.17 6.28 -13.03
N PHE A 283 -2.00 6.35 -11.99
CA PHE A 283 -2.83 5.24 -11.57
C PHE A 283 -4.20 5.80 -11.24
N ASP A 284 -5.24 5.31 -11.93
CA ASP A 284 -6.58 5.87 -11.69
C ASP A 284 -7.33 5.15 -10.58
N GLY A 285 -6.68 4.25 -9.84
CA GLY A 285 -7.33 3.51 -8.78
C GLY A 285 -7.69 2.08 -9.13
N THR A 286 -7.73 1.74 -10.42
CA THR A 286 -7.87 0.33 -10.77
C THR A 286 -6.83 -0.05 -11.82
N ASN A 287 -6.48 0.86 -12.73
CA ASN A 287 -5.45 0.61 -13.74
C ASN A 287 -4.34 1.64 -13.73
N ARG A 288 -3.11 1.17 -13.94
N ARG A 288 -3.11 1.17 -13.89
CA ARG A 288 -1.99 2.04 -14.25
CA ARG A 288 -2.01 2.02 -14.29
C ARG A 288 -2.09 2.47 -15.71
C ARG A 288 -2.29 2.55 -15.67
N LEU A 289 -1.76 3.73 -15.97
CA LEU A 289 -2.18 4.48 -17.16
C LEU A 289 -1.02 4.73 -18.12
N ASN A 290 -1.29 4.59 -19.41
CA ASN A 290 -0.40 5.17 -20.43
C ASN A 290 -0.99 6.43 -21.04
N SER A 291 -2.18 6.85 -20.60
CA SER A 291 -2.81 8.02 -21.19
C SER A 291 -2.21 9.33 -20.66
N ALA A 292 -2.49 10.40 -21.38
CA ALA A 292 -2.04 11.75 -21.01
C ALA A 292 -3.07 12.77 -21.46
N GLU A 293 -3.08 13.91 -20.79
CA GLU A 293 -4.02 14.96 -21.11
C GLU A 293 -3.40 16.32 -20.87
N CYS A 294 -4.02 17.33 -21.48
CA CYS A 294 -3.46 18.68 -21.59
C CYS A 294 -4.47 19.69 -21.07
N TYR A 295 -4.02 20.61 -20.23
CA TYR A 295 -4.86 21.62 -19.60
C TYR A 295 -4.57 22.98 -20.24
N TYR A 296 -5.64 23.71 -20.55
CA TYR A 296 -5.59 25.04 -21.18
C TYR A 296 -5.97 26.09 -20.15
N PRO A 297 -5.02 26.79 -19.55
CA PRO A 297 -5.39 27.69 -18.44
C PRO A 297 -6.33 28.81 -18.88
N GLU A 298 -6.18 29.36 -20.08
CA GLU A 298 -7.02 30.49 -20.47
C GLU A 298 -8.47 30.04 -20.69
N ARG A 299 -8.66 28.85 -21.27
CA ARG A 299 -9.98 28.27 -21.47
C ARG A 299 -10.48 27.49 -20.26
N ASN A 300 -9.58 27.15 -19.34
CA ASN A 300 -9.88 26.31 -18.17
C ASN A 300 -10.52 24.99 -18.60
N GLU A 301 -9.82 24.22 -19.43
CA GLU A 301 -10.35 22.92 -19.82
C GLU A 301 -9.22 21.96 -20.16
N TRP A 302 -9.53 20.66 -20.10
CA TRP A 302 -8.61 19.57 -20.41
C TRP A 302 -9.00 18.83 -21.68
N ARG A 303 -7.98 18.36 -22.41
N ARG A 303 -7.99 18.36 -22.43
CA ARG A 303 -8.16 17.54 -23.59
CA ARG A 303 -8.23 17.54 -23.61
C ARG A 303 -7.22 16.35 -23.50
C ARG A 303 -7.22 16.39 -23.62
N MET A 304 -7.67 15.19 -23.97
CA MET A 304 -6.78 14.03 -24.02
C MET A 304 -5.82 14.22 -25.15
N ILE A 305 -4.57 13.73 -24.99
CA ILE A 305 -3.62 13.72 -26.08
C ILE A 305 -3.19 12.28 -26.37
N THR A 306 -2.30 12.10 -27.34
CA THR A 306 -1.81 10.77 -27.69
C THR A 306 -1.27 10.06 -26.46
N ALA A 307 -1.56 8.77 -26.33
CA ALA A 307 -1.12 7.97 -25.20
C ALA A 307 0.32 7.52 -25.40
N MET A 308 1.03 7.34 -24.29
CA MET A 308 2.41 6.87 -24.33
C MET A 308 2.48 5.43 -24.86
N ASN A 309 3.68 5.06 -25.31
CA ASN A 309 3.91 3.67 -25.70
C ASN A 309 3.81 2.72 -24.51
N THR A 310 4.11 3.20 -23.31
CA THR A 310 4.22 2.33 -22.15
C THR A 310 3.33 2.85 -21.05
N ILE A 311 2.71 1.92 -20.32
CA ILE A 311 2.04 2.27 -19.08
C ILE A 311 3.08 2.69 -18.04
N ARG A 312 2.84 3.80 -17.33
CA ARG A 312 3.78 4.28 -16.31
C ARG A 312 3.01 5.00 -15.22
N SER A 313 3.15 4.52 -13.98
CA SER A 313 2.85 5.38 -12.84
C SER A 313 4.16 5.64 -12.11
N GLY A 314 4.23 6.79 -11.42
CA GLY A 314 5.46 7.15 -10.71
C GLY A 314 6.68 7.36 -11.59
N ALA A 315 6.48 7.82 -12.82
CA ALA A 315 7.55 8.18 -13.74
C ALA A 315 8.06 9.59 -13.45
N GLY A 316 9.25 9.91 -13.95
CA GLY A 316 9.72 11.28 -13.94
C GLY A 316 9.30 11.92 -15.25
N VAL A 317 8.63 13.06 -15.16
CA VAL A 317 8.12 13.78 -16.32
C VAL A 317 8.62 15.21 -16.27
N CYS A 318 9.22 15.69 -17.36
CA CYS A 318 9.77 17.05 -17.42
C CYS A 318 9.81 17.51 -18.88
N VAL A 319 10.19 18.77 -19.08
CA VAL A 319 10.24 19.37 -20.42
C VAL A 319 11.68 19.72 -20.74
N LEU A 320 12.15 19.33 -21.93
CA LEU A 320 13.48 19.73 -22.34
C LEU A 320 13.48 19.97 -23.85
N HIS A 321 13.94 21.15 -24.27
CA HIS A 321 14.09 21.46 -25.69
C HIS A 321 12.78 21.22 -26.43
N ASN A 322 11.70 21.70 -25.82
CA ASN A 322 10.36 21.67 -26.41
C ASN A 322 9.76 20.28 -26.52
N CYS A 323 10.32 19.27 -25.85
CA CYS A 323 9.72 17.94 -25.79
C CYS A 323 9.38 17.57 -24.35
N ILE A 324 8.33 16.78 -24.18
CA ILE A 324 7.97 16.24 -22.87
C ILE A 324 8.58 14.86 -22.75
N TYR A 325 9.36 14.64 -21.69
CA TYR A 325 10.00 13.34 -21.45
C TYR A 325 9.29 12.63 -20.32
N ALA A 326 9.14 11.31 -20.44
CA ALA A 326 8.59 10.47 -19.39
C ALA A 326 9.63 9.38 -19.15
N ALA A 327 10.27 9.39 -17.98
CA ALA A 327 11.37 8.49 -17.70
C ALA A 327 10.97 7.50 -16.62
N GLY A 328 11.20 6.20 -16.86
CA GLY A 328 11.01 5.25 -15.78
C GLY A 328 9.56 5.06 -15.41
N GLY A 329 9.34 4.73 -14.14
CA GLY A 329 8.03 4.46 -13.59
C GLY A 329 7.79 2.98 -13.38
N TYR A 330 6.54 2.67 -13.10
CA TYR A 330 6.09 1.30 -12.93
C TYR A 330 4.96 0.98 -13.91
N ASP A 331 5.16 -0.05 -14.75
CA ASP A 331 4.17 -0.39 -15.76
C ASP A 331 3.15 -1.43 -15.28
N GLY A 332 2.99 -1.63 -13.97
CA GLY A 332 2.16 -2.72 -13.47
C GLY A 332 2.90 -4.02 -13.23
N GLN A 333 3.95 -4.30 -14.01
CA GLN A 333 4.76 -5.52 -13.81
C GLN A 333 6.11 -5.20 -13.19
N ASP A 334 7.01 -4.54 -13.92
N ASP A 334 6.94 -4.42 -13.89
CA ASP A 334 8.33 -4.19 -13.40
CA ASP A 334 8.32 -4.16 -13.55
C ASP A 334 8.51 -2.67 -13.33
C ASP A 334 8.56 -2.65 -13.43
N GLN A 335 9.51 -2.27 -12.57
CA GLN A 335 10.05 -0.94 -12.67
C GLN A 335 10.71 -0.79 -14.03
N LEU A 336 10.67 0.42 -14.58
CA LEU A 336 11.05 0.66 -15.96
C LEU A 336 12.35 1.42 -16.04
N ASN A 337 13.15 1.11 -17.05
CA ASN A 337 14.28 1.98 -17.37
C ASN A 337 14.11 2.68 -18.71
N SER A 338 12.99 2.45 -19.39
CA SER A 338 12.77 3.08 -20.69
C SER A 338 12.38 4.55 -20.51
N VAL A 339 12.72 5.34 -21.53
CA VAL A 339 12.42 6.78 -21.58
C VAL A 339 11.77 7.08 -22.91
N GLU A 340 10.66 7.83 -22.89
CA GLU A 340 10.08 8.28 -24.14
C GLU A 340 9.79 9.77 -24.09
N ARG A 341 9.73 10.39 -25.25
CA ARG A 341 9.47 11.81 -25.32
C ARG A 341 8.40 12.13 -26.34
N TYR A 342 7.64 13.17 -26.02
CA TYR A 342 6.50 13.61 -26.81
C TYR A 342 6.83 14.88 -27.57
N ASP A 343 6.46 14.91 -28.85
CA ASP A 343 6.58 16.11 -29.67
C ASP A 343 5.19 16.64 -29.90
N VAL A 344 4.92 17.88 -29.49
CA VAL A 344 3.52 18.30 -29.49
C VAL A 344 3.02 18.51 -30.90
N GLU A 345 3.91 18.83 -31.84
CA GLU A 345 3.41 19.13 -33.19
C GLU A 345 3.15 17.84 -33.97
N THR A 346 4.04 16.84 -33.85
CA THR A 346 3.79 15.54 -34.48
C THR A 346 2.85 14.65 -33.68
N GLU A 347 2.58 14.96 -32.42
CA GLU A 347 1.66 14.19 -31.59
C GLU A 347 2.07 12.73 -31.45
N THR A 348 3.37 12.46 -31.40
CA THR A 348 3.83 11.09 -31.23
C THR A 348 4.89 10.97 -30.14
N TRP A 349 4.85 9.86 -29.42
CA TRP A 349 5.87 9.50 -28.43
C TRP A 349 6.95 8.64 -29.06
N THR A 350 8.20 8.93 -28.73
CA THR A 350 9.35 8.24 -29.30
C THR A 350 10.26 7.80 -28.17
N PHE A 351 10.67 6.53 -28.17
CA PHE A 351 11.69 6.08 -27.21
C PHE A 351 13.05 6.74 -27.48
N VAL A 352 13.75 7.08 -26.40
CA VAL A 352 15.16 7.49 -26.47
C VAL A 352 15.97 6.48 -25.68
N ALA A 353 17.23 6.78 -25.40
CA ALA A 353 18.07 5.80 -24.69
C ALA A 353 17.50 5.52 -23.30
N PRO A 354 17.45 4.26 -22.88
CA PRO A 354 16.99 3.94 -21.52
C PRO A 354 18.02 4.34 -20.47
N MET A 355 17.53 4.58 -19.25
CA MET A 355 18.41 4.81 -18.12
C MET A 355 19.24 3.56 -17.83
N LYS A 356 20.37 3.73 -17.12
CA LYS A 356 21.11 2.55 -16.66
C LYS A 356 20.31 1.72 -15.67
N HIS A 357 19.64 2.36 -14.72
CA HIS A 357 18.88 1.67 -13.69
C HIS A 357 17.39 1.80 -13.92
N ARG A 358 16.65 0.69 -13.74
CA ARG A 358 15.21 0.77 -13.63
C ARG A 358 14.85 1.57 -12.38
N ARG A 359 13.80 2.38 -12.44
CA ARG A 359 13.41 3.12 -11.25
C ARG A 359 12.00 3.64 -11.37
N SER A 360 11.28 3.57 -10.25
CA SER A 360 9.98 4.19 -10.09
C SER A 360 10.04 5.10 -8.87
N ALA A 361 9.08 6.02 -8.78
CA ALA A 361 9.08 7.09 -7.79
C ALA A 361 10.43 7.82 -7.77
N LEU A 362 10.96 8.10 -8.96
CA LEU A 362 12.20 8.88 -9.11
C LEU A 362 11.91 10.38 -9.04
N GLY A 363 12.91 11.16 -8.59
CA GLY A 363 12.81 12.60 -8.75
C GLY A 363 13.38 13.01 -10.08
N ILE A 364 12.96 14.16 -10.61
CA ILE A 364 13.46 14.57 -11.92
C ILE A 364 13.49 16.10 -12.02
N THR A 365 14.47 16.60 -12.76
CA THR A 365 14.47 18.01 -13.10
C THR A 365 15.41 18.24 -14.27
N VAL A 366 15.38 19.47 -14.79
CA VAL A 366 16.24 19.86 -15.91
C VAL A 366 17.14 20.97 -15.41
N HIS A 367 18.44 20.85 -15.68
CA HIS A 367 19.41 21.87 -15.30
C HIS A 367 20.39 22.02 -16.46
N GLN A 368 20.47 23.23 -17.01
CA GLN A 368 21.43 23.57 -18.07
C GLN A 368 21.39 22.60 -19.24
N GLY A 369 20.19 22.41 -19.81
CA GLY A 369 20.06 21.55 -20.98
C GLY A 369 20.11 20.05 -20.73
N ARG A 370 20.15 19.59 -19.49
CA ARG A 370 20.21 18.16 -19.23
C ARG A 370 19.13 17.75 -18.24
N ILE A 371 18.66 16.49 -18.37
CA ILE A 371 17.74 15.88 -17.42
C ILE A 371 18.54 15.20 -16.32
N TYR A 372 18.16 15.41 -15.07
CA TYR A 372 18.72 14.67 -13.94
C TYR A 372 17.60 13.85 -13.30
N VAL A 373 17.84 12.55 -13.09
CA VAL A 373 16.92 11.69 -12.35
C VAL A 373 17.60 11.28 -11.05
N LEU A 374 16.86 11.34 -9.95
CA LEU A 374 17.40 11.14 -8.62
C LEU A 374 16.65 10.02 -7.92
N GLY A 375 17.38 9.01 -7.44
CA GLY A 375 16.74 8.04 -6.54
C GLY A 375 15.69 7.17 -7.21
N GLY A 376 14.72 6.75 -6.40
CA GLY A 376 13.69 5.84 -6.86
C GLY A 376 13.92 4.43 -6.34
N TYR A 377 13.04 3.52 -6.76
CA TYR A 377 13.04 2.13 -6.33
C TYR A 377 13.21 1.24 -7.54
N ASP A 378 14.13 0.26 -7.48
CA ASP A 378 14.35 -0.55 -8.67
C ASP A 378 13.70 -1.92 -8.59
N GLY A 379 12.87 -2.16 -7.58
CA GLY A 379 12.33 -3.48 -7.31
C GLY A 379 13.02 -4.19 -6.17
N HIS A 380 14.26 -3.84 -5.89
CA HIS A 380 14.99 -4.47 -4.79
C HIS A 380 15.57 -3.45 -3.84
N THR A 381 16.08 -2.34 -4.34
CA THR A 381 16.73 -1.38 -3.45
C THR A 381 16.17 0.03 -3.73
N PHE A 382 16.32 0.88 -2.74
CA PHE A 382 16.08 2.31 -2.90
C PHE A 382 17.37 2.94 -3.36
N LEU A 383 17.35 3.50 -4.56
CA LEU A 383 18.56 3.95 -5.24
C LEU A 383 19.09 5.25 -4.66
N ASP A 384 20.42 5.37 -4.60
CA ASP A 384 21.03 6.69 -4.40
C ASP A 384 21.61 7.28 -5.67
N SER A 385 21.50 6.56 -6.77
CA SER A 385 22.09 6.96 -8.03
C SER A 385 21.41 8.21 -8.60
N VAL A 386 22.21 9.13 -9.12
CA VAL A 386 21.69 10.26 -9.89
C VAL A 386 22.26 10.11 -11.29
N GLU A 387 21.37 10.00 -12.29
CA GLU A 387 21.78 9.89 -13.69
C GLU A 387 21.43 11.18 -14.41
N CYS A 388 22.17 11.44 -15.48
CA CYS A 388 22.08 12.68 -16.22
C CYS A 388 21.97 12.33 -17.69
N TYR A 389 20.97 12.88 -18.35
CA TYR A 389 20.71 12.59 -19.75
C TYR A 389 21.16 13.77 -20.60
N ASP A 390 21.95 13.48 -21.61
CA ASP A 390 22.42 14.52 -22.52
C ASP A 390 21.69 14.33 -23.84
N PRO A 391 20.80 15.25 -24.23
CA PRO A 391 20.03 15.02 -25.46
C PRO A 391 20.86 15.14 -26.73
N ASP A 392 21.96 15.91 -26.70
CA ASP A 392 22.83 16.05 -27.87
C ASP A 392 23.40 14.70 -28.27
N THR A 393 23.91 13.97 -27.29
CA THR A 393 24.51 12.67 -27.50
C THR A 393 23.57 11.51 -27.24
N ASP A 394 22.36 11.76 -26.73
CA ASP A 394 21.38 10.72 -26.40
C ASP A 394 21.97 9.62 -25.53
N THR A 395 22.64 10.02 -24.45
CA THR A 395 23.18 9.04 -23.53
C THR A 395 22.94 9.48 -22.08
N TRP A 396 22.81 8.49 -21.21
CA TRP A 396 22.72 8.69 -19.78
C TRP A 396 24.08 8.38 -19.17
N SER A 397 24.47 9.16 -18.17
CA SER A 397 25.65 8.83 -17.38
C SER A 397 25.32 9.13 -15.92
N GLU A 398 25.99 8.41 -15.02
CA GLU A 398 25.76 8.65 -13.60
C GLU A 398 26.67 9.77 -13.14
N VAL A 399 26.11 10.76 -12.46
CA VAL A 399 26.90 11.95 -12.13
C VAL A 399 27.17 12.13 -10.64
N THR A 400 26.38 11.52 -9.76
CA THR A 400 26.64 11.63 -8.32
C THR A 400 25.75 10.61 -7.65
N ARG A 401 25.88 10.50 -6.35
CA ARG A 401 24.98 9.68 -5.54
C ARG A 401 24.41 10.57 -4.48
N MET A 402 23.13 10.41 -4.19
CA MET A 402 22.58 11.06 -3.01
C MET A 402 23.30 10.52 -1.79
N THR A 403 23.22 11.28 -0.70
CA THR A 403 23.85 10.84 0.54
C THR A 403 23.23 9.56 1.09
N SER A 404 21.99 9.23 0.70
CA SER A 404 21.40 7.94 1.05
C SER A 404 20.29 7.61 0.03
N GLY A 405 20.09 6.32 -0.23
CA GLY A 405 19.10 5.93 -1.21
C GLY A 405 17.69 6.23 -0.71
N ARG A 406 16.81 6.60 -1.65
CA ARG A 406 15.43 6.98 -1.30
C ARG A 406 14.63 7.10 -2.59
N SER A 407 13.31 7.05 -2.44
CA SER A 407 12.38 7.23 -3.54
C SER A 407 11.36 8.28 -3.14
N GLY A 408 10.52 8.69 -4.08
CA GLY A 408 9.43 9.59 -3.73
C GLY A 408 9.85 10.98 -3.28
N VAL A 409 10.97 11.53 -3.81
CA VAL A 409 11.42 12.88 -3.42
C VAL A 409 10.69 13.94 -4.26
N GLY A 410 10.65 15.17 -3.72
CA GLY A 410 10.34 16.35 -4.52
C GLY A 410 11.65 17.00 -4.91
N VAL A 411 11.70 17.49 -6.15
CA VAL A 411 12.94 18.00 -6.74
C VAL A 411 12.63 19.31 -7.45
N ALA A 412 13.47 20.32 -7.23
CA ALA A 412 13.34 21.58 -7.98
C ALA A 412 14.71 22.20 -8.13
N VAL A 413 14.80 23.20 -9.02
CA VAL A 413 16.07 23.86 -9.34
C VAL A 413 15.93 25.37 -9.12
N THR A 414 16.84 25.95 -8.33
CA THR A 414 16.95 27.42 -8.21
C THR A 414 18.33 27.84 -7.70
N GLY B 130 1.81 -36.79 10.67
CA GLY B 130 2.30 -35.50 11.17
C GLY B 130 1.91 -34.25 10.35
N ARG B 131 0.96 -33.50 10.86
CA ARG B 131 0.45 -32.32 10.17
C ARG B 131 1.34 -31.12 10.46
N LEU B 132 1.48 -30.24 9.47
CA LEU B 132 2.27 -29.01 9.62
C LEU B 132 1.38 -27.78 9.75
N ILE B 133 1.92 -26.74 10.39
CA ILE B 133 1.29 -25.44 10.42
C ILE B 133 1.89 -24.61 9.28
N TYR B 134 1.10 -24.29 8.25
CA TYR B 134 1.56 -23.50 7.11
C TYR B 134 1.26 -22.02 7.33
N THR B 135 2.20 -21.15 6.97
CA THR B 135 1.98 -19.70 7.06
C THR B 135 2.39 -19.09 5.72
N ALA B 136 1.50 -18.27 5.16
CA ALA B 136 1.63 -17.76 3.79
C ALA B 136 1.50 -16.23 3.80
N GLY B 137 2.37 -15.56 3.03
CA GLY B 137 2.26 -14.13 2.86
C GLY B 137 2.62 -13.37 4.11
N GLY B 138 2.03 -12.18 4.23
CA GLY B 138 2.28 -11.33 5.37
C GLY B 138 2.99 -10.08 4.93
N TYR B 139 3.39 -9.28 5.91
CA TYR B 139 3.88 -7.94 5.68
C TYR B 139 5.04 -7.63 6.60
N PHE B 140 6.16 -7.18 6.01
CA PHE B 140 7.26 -6.57 6.74
C PHE B 140 7.96 -5.65 5.74
N ARG B 141 7.82 -4.33 5.92
CA ARG B 141 8.27 -3.35 4.91
C ARG B 141 7.48 -3.37 3.60
N GLN B 142 7.02 -4.54 3.15
CA GLN B 142 6.08 -4.66 2.04
C GLN B 142 5.38 -6.00 2.18
N SER B 143 4.36 -6.23 1.36
CA SER B 143 3.71 -7.53 1.39
C SER B 143 4.69 -8.59 0.88
N LEU B 144 4.58 -9.80 1.45
CA LEU B 144 5.57 -10.86 1.30
C LEU B 144 5.00 -12.06 0.55
N SER B 145 5.91 -12.87 0.04
CA SER B 145 5.62 -14.03 -0.77
C SER B 145 5.88 -15.35 -0.05
N TYR B 146 6.39 -15.31 1.18
CA TYR B 146 6.79 -16.52 1.90
C TYR B 146 5.66 -17.53 2.03
N LEU B 147 6.00 -18.80 1.82
CA LEU B 147 5.24 -19.93 2.34
C LEU B 147 6.19 -20.79 3.17
N GLU B 148 5.90 -20.90 4.47
CA GLU B 148 6.71 -21.67 5.41
C GLU B 148 5.80 -22.57 6.22
N ALA B 149 6.34 -23.72 6.69
CA ALA B 149 5.56 -24.69 7.46
C ALA B 149 6.34 -25.11 8.71
N TYR B 150 5.66 -25.11 9.85
CA TYR B 150 6.24 -25.43 11.15
C TYR B 150 5.76 -26.81 11.58
N ASN B 151 6.69 -27.64 12.02
CA ASN B 151 6.36 -28.99 12.48
C ASN B 151 6.38 -28.96 14.00
N PRO B 152 5.24 -28.91 14.68
CA PRO B 152 5.27 -28.71 16.13
C PRO B 152 5.88 -29.89 16.88
N SER B 153 5.93 -31.08 16.28
CA SER B 153 6.47 -32.23 17.02
C SER B 153 7.98 -32.18 17.12
N ASP B 154 8.68 -31.62 16.13
CA ASP B 154 10.15 -31.53 16.20
C ASP B 154 10.69 -30.10 16.06
N GLY B 155 9.83 -29.07 16.06
CA GLY B 155 10.31 -27.70 16.15
C GLY B 155 10.97 -27.11 14.91
N THR B 156 10.95 -27.82 13.78
CA THR B 156 11.60 -27.36 12.56
C THR B 156 10.68 -26.49 11.69
N TRP B 157 11.29 -25.63 10.90
CA TRP B 157 10.62 -24.83 9.88
C TRP B 157 11.07 -25.25 8.48
N LEU B 158 10.11 -25.47 7.60
CA LEU B 158 10.40 -25.71 6.18
C LEU B 158 10.15 -24.44 5.37
N ARG B 159 10.99 -24.21 4.38
CA ARG B 159 10.80 -23.12 3.42
C ARG B 159 10.27 -23.72 2.12
N LEU B 160 8.99 -23.44 1.81
CA LEU B 160 8.33 -24.01 0.65
C LEU B 160 8.29 -22.99 -0.49
N ALA B 161 7.63 -23.34 -1.58
CA ALA B 161 7.60 -22.47 -2.75
C ALA B 161 6.85 -21.16 -2.45
N ASP B 162 7.45 -20.03 -2.84
CA ASP B 162 6.83 -18.69 -2.75
C ASP B 162 5.48 -18.61 -3.46
N LEU B 163 4.57 -17.84 -2.86
CA LEU B 163 3.39 -17.36 -3.59
C LEU B 163 3.81 -16.67 -4.89
N GLN B 164 2.98 -16.81 -5.92
CA GLN B 164 3.25 -16.13 -7.20
C GLN B 164 3.11 -14.62 -7.09
N VAL B 165 2.19 -14.12 -6.26
CA VAL B 165 2.02 -12.69 -6.04
C VAL B 165 2.06 -12.44 -4.53
N PRO B 166 2.91 -11.55 -4.01
CA PRO B 166 2.92 -11.34 -2.57
C PRO B 166 1.62 -10.71 -2.08
N ARG B 167 1.23 -11.04 -0.86
CA ARG B 167 0.05 -10.43 -0.27
C ARG B 167 0.09 -10.54 1.23
N SER B 168 -0.54 -9.58 1.86
CA SER B 168 -0.79 -9.57 3.28
C SER B 168 -2.28 -9.31 3.45
N GLY B 169 -2.81 -9.62 4.63
CA GLY B 169 -4.23 -9.52 4.82
C GLY B 169 -5.00 -10.60 4.11
N LEU B 170 -4.35 -11.66 3.67
CA LEU B 170 -5.01 -12.79 3.06
C LEU B 170 -5.46 -13.77 4.15
N ALA B 171 -6.19 -14.80 3.76
CA ALA B 171 -6.51 -15.89 4.65
C ALA B 171 -6.11 -17.23 4.03
N GLY B 172 -5.83 -18.21 4.88
CA GLY B 172 -5.47 -19.54 4.43
C GLY B 172 -6.48 -20.55 4.96
N CYS B 173 -6.64 -21.65 4.21
CA CYS B 173 -7.40 -22.80 4.71
C CYS B 173 -6.99 -24.02 3.91
N VAL B 174 -7.39 -25.19 4.39
CA VAL B 174 -7.07 -26.46 3.72
C VAL B 174 -8.37 -27.16 3.34
N VAL B 175 -8.46 -27.63 2.12
CA VAL B 175 -9.55 -28.52 1.71
C VAL B 175 -8.93 -29.69 0.95
N GLY B 176 -9.19 -30.91 1.43
CA GLY B 176 -8.72 -32.09 0.75
C GLY B 176 -7.21 -32.18 0.65
N GLY B 177 -6.51 -31.83 1.73
CA GLY B 177 -5.06 -31.84 1.65
C GLY B 177 -4.41 -30.74 0.83
N LEU B 178 -5.18 -29.88 0.15
CA LEU B 178 -4.60 -28.75 -0.58
C LEU B 178 -4.76 -27.50 0.25
N LEU B 179 -3.74 -26.65 0.21
CA LEU B 179 -3.74 -25.37 0.91
C LEU B 179 -4.26 -24.25 -0.03
N TYR B 180 -5.10 -23.38 0.49
CA TYR B 180 -5.65 -22.28 -0.30
C TYR B 180 -5.27 -20.96 0.33
N ALA B 181 -4.86 -20.01 -0.51
CA ALA B 181 -4.55 -18.64 -0.11
C ALA B 181 -5.56 -17.74 -0.80
N VAL B 182 -6.31 -16.95 -0.02
CA VAL B 182 -7.50 -16.25 -0.50
C VAL B 182 -7.35 -14.76 -0.23
N GLY B 183 -7.51 -13.92 -1.27
CA GLY B 183 -7.63 -12.49 -1.00
C GLY B 183 -6.36 -11.81 -0.53
N GLY B 184 -6.51 -10.74 0.22
CA GLY B 184 -5.39 -9.95 0.64
C GLY B 184 -5.18 -8.75 -0.27
N ARG B 185 -4.02 -8.11 -0.06
CA ARG B 185 -3.58 -6.94 -0.80
C ARG B 185 -2.06 -6.95 -0.91
N ASN B 186 -1.56 -6.68 -2.11
CA ASN B 186 -0.13 -6.49 -2.32
C ASN B 186 0.18 -5.02 -2.12
N ASN B 187 0.77 -4.72 -0.99
CA ASN B 187 1.28 -3.40 -0.64
C ASN B 187 2.78 -3.39 -0.93
N SER B 188 3.19 -2.70 -1.98
N SER B 188 3.18 -2.69 -1.97
CA SER B 188 4.58 -2.54 -2.38
CA SER B 188 4.55 -2.49 -2.42
C SER B 188 4.95 -1.06 -2.45
C SER B 188 4.95 -1.02 -2.31
N PRO B 189 6.25 -0.71 -2.46
CA PRO B 189 6.62 0.73 -2.47
C PRO B 189 6.13 1.43 -3.72
N ASP B 190 5.85 0.66 -4.78
N ASP B 190 6.10 0.72 -4.83
CA ASP B 190 5.27 1.17 -6.02
CA ASP B 190 5.21 1.00 -5.92
C ASP B 190 3.76 1.49 -5.93
C ASP B 190 3.93 1.70 -5.50
N GLY B 191 3.03 0.87 -5.00
CA GLY B 191 1.62 1.14 -4.85
C GLY B 191 0.96 -0.13 -4.35
N ASN B 192 -0.36 -0.06 -4.21
CA ASN B 192 -1.16 -1.13 -3.64
C ASN B 192 -2.16 -1.69 -4.64
N THR B 193 -2.40 -3.00 -4.53
CA THR B 193 -3.33 -3.72 -5.38
C THR B 193 -4.10 -4.71 -4.51
N ASP B 194 -5.39 -4.47 -4.28
CA ASP B 194 -6.23 -5.47 -3.62
C ASP B 194 -6.38 -6.71 -4.48
N SER B 195 -6.49 -7.86 -3.83
CA SER B 195 -6.47 -9.13 -4.52
C SER B 195 -7.84 -9.80 -4.46
N SER B 196 -8.27 -10.34 -5.61
CA SER B 196 -9.41 -11.26 -5.67
C SER B 196 -8.96 -12.71 -5.87
N ALA B 197 -7.66 -12.99 -5.77
CA ALA B 197 -7.11 -14.27 -6.22
C ALA B 197 -7.43 -15.38 -5.24
N LEU B 198 -7.67 -16.57 -5.78
CA LEU B 198 -7.65 -17.81 -5.03
C LEU B 198 -6.48 -18.63 -5.58
N ASP B 199 -5.50 -18.96 -4.74
CA ASP B 199 -4.40 -19.80 -5.16
C ASP B 199 -4.36 -21.09 -4.35
N CYS B 200 -4.00 -22.16 -5.04
CA CYS B 200 -4.00 -23.52 -4.50
C CYS B 200 -2.58 -24.07 -4.39
N TYR B 201 -2.17 -24.52 -3.20
CA TYR B 201 -0.84 -25.09 -3.02
C TYR B 201 -0.92 -26.60 -2.78
N ASN B 202 -0.18 -27.37 -3.57
CA ASN B 202 -0.19 -28.83 -3.43
C ASN B 202 1.07 -29.28 -2.71
N PRO B 203 0.99 -29.77 -1.48
CA PRO B 203 2.22 -30.05 -0.72
C PRO B 203 3.02 -31.17 -1.32
N MET B 204 2.39 -31.99 -2.16
CA MET B 204 3.06 -33.14 -2.78
C MET B 204 3.96 -32.71 -3.93
N THR B 205 3.60 -31.62 -4.60
CA THR B 205 4.37 -31.12 -5.73
C THR B 205 5.12 -29.84 -5.40
N ASN B 206 4.90 -29.28 -4.22
CA ASN B 206 5.48 -27.99 -3.83
C ASN B 206 5.20 -26.93 -4.90
N GLN B 207 3.99 -26.96 -5.46
CA GLN B 207 3.60 -26.04 -6.53
C GLN B 207 2.30 -25.31 -6.19
N TRP B 208 2.29 -23.99 -6.43
CA TRP B 208 1.09 -23.15 -6.42
C TRP B 208 0.46 -23.15 -7.80
N SER B 209 -0.87 -23.19 -7.85
CA SER B 209 -1.66 -23.11 -9.07
C SER B 209 -2.78 -22.11 -8.86
N PRO B 210 -3.08 -21.28 -9.86
CA PRO B 210 -4.21 -20.36 -9.72
C PRO B 210 -5.54 -21.10 -9.87
N CYS B 211 -6.52 -20.65 -9.08
CA CYS B 211 -7.90 -21.13 -9.16
C CYS B 211 -8.81 -19.96 -9.59
N ALA B 212 -10.11 -20.22 -9.73
CA ALA B 212 -11.00 -19.13 -10.15
C ALA B 212 -10.96 -17.98 -9.14
N PRO B 213 -10.91 -16.73 -9.60
CA PRO B 213 -10.91 -15.60 -8.67
C PRO B 213 -12.31 -15.37 -8.10
N MET B 214 -12.34 -14.70 -6.94
CA MET B 214 -13.58 -14.24 -6.33
C MET B 214 -14.22 -13.17 -7.20
N SER B 215 -15.46 -12.82 -6.87
CA SER B 215 -16.15 -11.81 -7.64
C SER B 215 -15.56 -10.42 -7.41
N VAL B 216 -14.98 -10.16 -6.24
CA VAL B 216 -14.42 -8.84 -5.92
C VAL B 216 -13.11 -9.07 -5.18
N PRO B 217 -12.22 -8.09 -5.18
CA PRO B 217 -11.04 -8.18 -4.31
C PRO B 217 -11.46 -8.03 -2.86
N ARG B 218 -10.72 -8.71 -1.98
CA ARG B 218 -11.07 -8.72 -0.55
C ARG B 218 -9.79 -8.67 0.27
N ASN B 219 -9.42 -7.48 0.70
CA ASN B 219 -8.28 -7.31 1.58
C ASN B 219 -8.75 -7.45 3.02
N ARG B 220 -7.96 -8.14 3.85
CA ARG B 220 -8.31 -8.36 5.28
C ARG B 220 -9.62 -9.13 5.38
N ILE B 221 -9.64 -10.21 4.61
CA ILE B 221 -10.74 -11.14 4.48
C ILE B 221 -10.77 -12.08 5.67
N GLY B 222 -11.92 -12.69 5.91
CA GLY B 222 -12.00 -13.88 6.75
C GLY B 222 -12.50 -15.06 5.94
N VAL B 223 -12.03 -16.28 6.31
CA VAL B 223 -12.39 -17.50 5.60
C VAL B 223 -12.79 -18.62 6.57
N GLY B 224 -13.74 -19.47 6.14
CA GLY B 224 -14.07 -20.68 6.88
C GLY B 224 -14.46 -21.76 5.89
N VAL B 225 -14.29 -23.01 6.28
CA VAL B 225 -14.59 -24.16 5.42
C VAL B 225 -15.76 -24.94 6.02
N ILE B 226 -16.73 -25.30 5.19
CA ILE B 226 -17.83 -26.14 5.65
C ILE B 226 -18.11 -27.15 4.56
N ASP B 227 -17.98 -28.43 4.89
CA ASP B 227 -18.29 -29.48 3.91
C ASP B 227 -17.46 -29.37 2.64
N GLY B 228 -16.18 -29.05 2.78
CA GLY B 228 -15.38 -28.92 1.57
C GLY B 228 -15.62 -27.67 0.74
N HIS B 229 -16.36 -26.70 1.25
CA HIS B 229 -16.53 -25.42 0.53
C HIS B 229 -15.89 -24.28 1.31
N ILE B 230 -15.27 -23.35 0.59
CA ILE B 230 -14.59 -22.22 1.19
C ILE B 230 -15.53 -21.03 1.16
N TYR B 231 -15.77 -20.43 2.32
CA TYR B 231 -16.52 -19.18 2.42
C TYR B 231 -15.55 -18.02 2.58
N ALA B 232 -15.66 -17.00 1.71
CA ALA B 232 -14.88 -15.77 1.80
C ALA B 232 -15.78 -14.67 2.32
N VAL B 233 -15.44 -14.05 3.47
CA VAL B 233 -16.35 -13.11 4.10
C VAL B 233 -15.69 -11.75 4.29
N GLY B 234 -16.40 -10.71 3.87
CA GLY B 234 -16.00 -9.34 4.17
C GLY B 234 -14.75 -8.92 3.40
N GLY B 235 -13.95 -8.09 4.05
CA GLY B 235 -12.80 -7.50 3.43
C GLY B 235 -13.13 -6.20 2.69
N SER B 236 -12.07 -5.54 2.23
CA SER B 236 -12.18 -4.24 1.58
C SER B 236 -11.70 -4.33 0.16
N HIS B 237 -12.21 -3.40 -0.65
CA HIS B 237 -11.71 -3.13 -1.99
C HIS B 237 -11.72 -1.62 -2.17
N GLY B 238 -10.54 -1.00 -2.12
CA GLY B 238 -10.50 0.45 -2.19
C GLY B 238 -11.29 1.04 -1.04
N CYS B 239 -12.23 1.93 -1.36
CA CYS B 239 -13.10 2.54 -0.35
C CYS B 239 -14.20 1.58 0.15
N ILE B 240 -14.45 0.48 -0.54
CA ILE B 240 -15.60 -0.39 -0.26
C ILE B 240 -15.25 -1.36 0.86
N HIS B 241 -16.04 -1.34 1.93
CA HIS B 241 -15.99 -2.33 2.99
C HIS B 241 -17.13 -3.32 2.76
N HIS B 242 -16.80 -4.57 2.44
CA HIS B 242 -17.82 -5.50 1.99
C HIS B 242 -18.65 -6.07 3.15
N ASN B 243 -19.94 -6.28 2.88
CA ASN B 243 -20.69 -7.25 3.66
C ASN B 243 -21.02 -8.49 2.85
N SER B 244 -20.67 -8.51 1.56
CA SER B 244 -20.94 -9.66 0.75
C SER B 244 -20.08 -10.85 1.20
N VAL B 245 -20.52 -12.03 0.82
CA VAL B 245 -19.95 -13.30 1.22
C VAL B 245 -20.11 -14.21 0.03
N GLU B 246 -19.06 -14.97 -0.32
CA GLU B 246 -19.17 -15.91 -1.42
C GLU B 246 -18.54 -17.24 -1.05
N ARG B 247 -18.97 -18.27 -1.77
N ARG B 247 -18.93 -18.27 -1.80
CA ARG B 247 -18.64 -19.65 -1.45
CA ARG B 247 -18.65 -19.65 -1.46
C ARG B 247 -17.99 -20.29 -2.66
C ARG B 247 -18.01 -20.32 -2.67
N TYR B 248 -16.85 -20.94 -2.44
CA TYR B 248 -16.10 -21.63 -3.49
C TYR B 248 -16.33 -23.13 -3.42
N GLU B 249 -16.52 -23.75 -4.57
CA GLU B 249 -16.69 -25.20 -4.65
C GLU B 249 -15.52 -25.80 -5.42
N PRO B 250 -14.58 -26.47 -4.74
CA PRO B 250 -13.39 -26.99 -5.43
C PRO B 250 -13.71 -27.95 -6.56
N GLU B 251 -14.76 -28.74 -6.44
CA GLU B 251 -15.04 -29.73 -7.47
C GLU B 251 -15.44 -29.08 -8.79
N ARG B 252 -16.01 -27.87 -8.77
CA ARG B 252 -16.33 -27.16 -9.99
C ARG B 252 -15.43 -25.96 -10.28
N ASP B 253 -14.52 -25.61 -9.37
CA ASP B 253 -13.69 -24.38 -9.47
C ASP B 253 -14.58 -23.17 -9.80
N GLU B 254 -15.60 -22.96 -8.95
CA GLU B 254 -16.60 -21.90 -9.13
C GLU B 254 -16.89 -21.21 -7.80
N TRP B 255 -17.04 -19.89 -7.85
CA TRP B 255 -17.49 -19.06 -6.74
C TRP B 255 -18.94 -18.66 -6.96
N HIS B 256 -19.72 -18.62 -5.88
CA HIS B 256 -21.07 -18.09 -5.95
C HIS B 256 -21.35 -17.25 -4.72
N LEU B 257 -22.06 -16.14 -4.90
CA LEU B 257 -22.44 -15.33 -3.75
C LEU B 257 -23.51 -16.05 -2.95
N VAL B 258 -23.48 -15.86 -1.63
CA VAL B 258 -24.53 -16.36 -0.76
C VAL B 258 -25.06 -15.14 -0.03
N ALA B 259 -25.85 -15.31 1.01
CA ALA B 259 -26.43 -14.13 1.63
C ALA B 259 -25.35 -13.24 2.24
N PRO B 260 -25.49 -11.92 2.15
CA PRO B 260 -24.52 -11.02 2.75
C PRO B 260 -24.69 -10.89 4.24
N MET B 261 -23.61 -10.52 4.90
CA MET B 261 -23.69 -10.32 6.34
C MET B 261 -24.57 -9.11 6.65
N LEU B 262 -24.96 -9.00 7.92
CA LEU B 262 -25.74 -7.87 8.41
C LEU B 262 -24.88 -6.62 8.58
N THR B 263 -23.58 -6.80 8.77
CA THR B 263 -22.65 -5.70 8.95
C THR B 263 -21.52 -5.83 7.94
N ARG B 264 -21.06 -4.70 7.40
CA ARG B 264 -19.80 -4.64 6.67
C ARG B 264 -18.65 -4.91 7.65
N ARG B 265 -17.74 -5.79 7.28
CA ARG B 265 -16.63 -6.09 8.19
C ARG B 265 -15.36 -6.35 7.40
N ILE B 266 -14.30 -5.66 7.76
CA ILE B 266 -12.98 -6.01 7.27
C ILE B 266 -12.16 -6.26 8.51
N GLY B 267 -11.11 -7.06 8.36
CA GLY B 267 -10.33 -7.45 9.52
C GLY B 267 -11.15 -8.32 10.46
N VAL B 268 -12.09 -9.09 9.89
CA VAL B 268 -13.04 -9.91 10.62
C VAL B 268 -12.43 -11.28 10.88
N GLY B 269 -12.71 -11.88 12.02
CA GLY B 269 -12.33 -13.26 12.29
C GLY B 269 -13.49 -14.20 12.00
N VAL B 270 -13.19 -15.34 11.43
CA VAL B 270 -14.21 -16.28 11.01
C VAL B 270 -13.91 -17.64 11.65
N ALA B 271 -14.94 -18.30 12.15
CA ALA B 271 -14.80 -19.61 12.77
C ALA B 271 -15.95 -20.50 12.33
N VAL B 272 -15.71 -21.81 12.25
CA VAL B 272 -16.75 -22.76 11.88
C VAL B 272 -17.02 -23.67 13.07
N LEU B 273 -18.29 -23.80 13.44
CA LEU B 273 -18.65 -24.58 14.62
C LEU B 273 -20.06 -25.09 14.43
N ASN B 274 -20.27 -26.42 14.59
CA ASN B 274 -21.60 -27.01 14.41
C ASN B 274 -22.17 -26.72 13.03
N ARG B 275 -21.29 -26.73 12.04
CA ARG B 275 -21.63 -26.51 10.64
C ARG B 275 -22.32 -25.17 10.40
N LEU B 276 -22.04 -24.20 11.27
CA LEU B 276 -22.40 -22.80 11.11
C LEU B 276 -21.13 -21.97 11.02
N LEU B 277 -21.25 -20.81 10.41
CA LEU B 277 -20.12 -19.92 10.17
C LEU B 277 -20.31 -18.67 11.01
N TYR B 278 -19.33 -18.37 11.86
CA TYR B 278 -19.38 -17.21 12.74
C TYR B 278 -18.43 -16.14 12.20
N ALA B 279 -18.90 -14.89 12.16
CA ALA B 279 -18.07 -13.77 11.75
C ALA B 279 -17.95 -12.83 12.94
N VAL B 280 -16.73 -12.51 13.34
CA VAL B 280 -16.50 -11.91 14.67
C VAL B 280 -15.67 -10.62 14.52
N GLY B 281 -16.22 -9.50 15.01
CA GLY B 281 -15.50 -8.27 15.11
C GLY B 281 -15.22 -7.61 13.75
N GLY B 282 -14.16 -6.83 13.71
CA GLY B 282 -13.71 -6.21 12.48
C GLY B 282 -13.95 -4.71 12.48
N PHE B 283 -14.04 -4.17 11.27
CA PHE B 283 -14.12 -2.72 11.04
C PHE B 283 -15.15 -2.48 9.95
N ASP B 284 -16.16 -1.65 10.23
CA ASP B 284 -17.24 -1.50 9.26
C ASP B 284 -17.05 -0.31 8.31
N GLY B 285 -15.89 0.32 8.30
CA GLY B 285 -15.65 1.49 7.50
C GLY B 285 -15.69 2.78 8.28
N THR B 286 -16.31 2.76 9.46
CA THR B 286 -16.37 3.87 10.39
C THR B 286 -15.91 3.46 11.78
N ASN B 287 -16.52 2.41 12.34
CA ASN B 287 -16.19 1.96 13.69
C ASN B 287 -15.60 0.56 13.69
N ARG B 288 -14.71 0.33 14.64
CA ARG B 288 -14.29 -1.01 14.98
C ARG B 288 -15.37 -1.68 15.82
N LEU B 289 -15.45 -3.00 15.72
CA LEU B 289 -16.65 -3.70 16.11
C LEU B 289 -16.36 -4.66 17.27
N ASN B 290 -17.33 -4.78 18.18
CA ASN B 290 -17.36 -5.92 19.10
C ASN B 290 -18.50 -6.88 18.79
N SER B 291 -19.25 -6.63 17.73
CA SER B 291 -20.36 -7.49 17.35
C SER B 291 -19.88 -8.76 16.62
N ALA B 292 -20.77 -9.73 16.53
CA ALA B 292 -20.51 -11.01 15.88
C ALA B 292 -21.82 -11.52 15.35
N GLU B 293 -21.76 -12.37 14.33
CA GLU B 293 -22.98 -12.87 13.74
C GLU B 293 -22.72 -14.24 13.16
N CYS B 294 -23.80 -14.95 12.87
CA CYS B 294 -23.73 -16.36 12.61
C CYS B 294 -24.48 -16.66 11.32
N TYR B 295 -23.86 -17.44 10.43
CA TYR B 295 -24.44 -17.85 9.16
C TYR B 295 -24.93 -19.29 9.20
N TYR B 296 -26.16 -19.52 8.70
CA TYR B 296 -26.83 -20.83 8.62
C TYR B 296 -26.80 -21.29 7.20
N PRO B 297 -25.85 -22.14 6.80
CA PRO B 297 -25.76 -22.52 5.38
C PRO B 297 -27.02 -23.14 4.82
N GLU B 298 -27.75 -23.95 5.61
CA GLU B 298 -28.89 -24.63 5.02
C GLU B 298 -30.00 -23.64 4.71
N ARG B 299 -30.24 -22.70 5.61
CA ARG B 299 -31.24 -21.65 5.41
C ARG B 299 -30.70 -20.44 4.65
N ASN B 300 -29.37 -20.30 4.54
CA ASN B 300 -28.74 -19.16 3.85
C ASN B 300 -29.17 -17.86 4.51
N GLU B 301 -28.84 -17.71 5.78
CA GLU B 301 -29.19 -16.47 6.43
C GLU B 301 -28.29 -16.24 7.63
N TRP B 302 -28.20 -14.97 8.02
CA TRP B 302 -27.33 -14.50 9.08
C TRP B 302 -28.18 -14.02 10.25
N ARG B 303 -27.63 -14.16 11.47
N ARG B 303 -27.67 -14.17 11.48
CA ARG B 303 -28.23 -13.68 12.71
CA ARG B 303 -28.31 -13.62 12.67
C ARG B 303 -27.14 -13.09 13.59
C ARG B 303 -27.23 -13.15 13.64
N MET B 304 -27.45 -12.00 14.28
CA MET B 304 -26.51 -11.50 15.30
C MET B 304 -26.48 -12.43 16.51
N ILE B 305 -25.32 -12.53 17.15
CA ILE B 305 -25.19 -13.26 18.40
C ILE B 305 -24.69 -12.25 19.42
N THR B 306 -24.41 -12.72 20.64
CA THR B 306 -23.90 -11.84 21.68
C THR B 306 -22.60 -11.19 21.27
N ALA B 307 -22.47 -9.89 21.57
CA ALA B 307 -21.27 -9.15 21.26
C ALA B 307 -20.15 -9.48 22.24
N MET B 308 -18.92 -9.36 21.77
CA MET B 308 -17.76 -9.61 22.62
C MET B 308 -17.66 -8.58 23.73
N ASN B 309 -16.84 -8.90 24.74
CA ASN B 309 -16.55 -7.92 25.78
C ASN B 309 -15.70 -6.77 25.25
N THR B 310 -14.85 -7.03 24.27
CA THR B 310 -13.93 -6.02 23.73
C THR B 310 -14.18 -5.80 22.25
N ILE B 311 -14.07 -4.54 21.84
CA ILE B 311 -13.95 -4.22 20.43
C ILE B 311 -12.65 -4.82 19.90
N ARG B 312 -12.74 -5.59 18.81
CA ARG B 312 -11.54 -6.19 18.21
C ARG B 312 -11.66 -6.14 16.70
N SER B 313 -10.71 -5.46 16.05
N SER B 313 -10.73 -5.42 16.06
CA SER B 313 -10.53 -5.57 14.62
CA SER B 313 -10.50 -5.56 14.65
C SER B 313 -9.12 -6.10 14.37
C SER B 313 -9.13 -6.22 14.48
N GLY B 314 -9.02 -7.12 13.52
CA GLY B 314 -7.76 -7.79 13.28
C GLY B 314 -7.35 -8.77 14.36
N ALA B 315 -8.31 -9.34 15.08
CA ALA B 315 -8.04 -10.43 16.01
C ALA B 315 -7.86 -11.75 15.26
N GLY B 316 -7.27 -12.73 15.94
CA GLY B 316 -7.29 -14.09 15.47
C GLY B 316 -8.48 -14.82 16.07
N VAL B 317 -9.25 -15.49 15.22
CA VAL B 317 -10.44 -16.19 15.68
C VAL B 317 -10.35 -17.65 15.25
N CYS B 318 -10.63 -18.57 16.17
CA CYS B 318 -10.60 -20.00 15.85
C CYS B 318 -11.51 -20.76 16.81
N VAL B 319 -11.66 -22.04 16.56
CA VAL B 319 -12.55 -22.92 17.34
C VAL B 319 -11.72 -23.98 18.05
N LEU B 320 -11.93 -24.14 19.33
CA LEU B 320 -11.21 -25.18 20.06
C LEU B 320 -12.15 -25.81 21.09
N HIS B 321 -12.30 -27.14 21.05
CA HIS B 321 -13.13 -27.88 22.00
C HIS B 321 -14.50 -27.24 22.13
N ASN B 322 -15.14 -27.02 21.00
CA ASN B 322 -16.51 -26.53 20.96
C ASN B 322 -16.71 -25.08 21.41
N CYS B 323 -15.65 -24.29 21.57
CA CYS B 323 -15.79 -22.86 21.83
C CYS B 323 -15.12 -22.00 20.74
N ILE B 324 -15.61 -20.77 20.58
CA ILE B 324 -14.99 -19.80 19.67
C ILE B 324 -14.09 -18.86 20.45
N TYR B 325 -12.80 -18.81 20.09
CA TYR B 325 -11.84 -17.91 20.73
C TYR B 325 -11.52 -16.70 19.84
N ALA B 326 -11.37 -15.54 20.48
CA ALA B 326 -10.97 -14.31 19.83
C ALA B 326 -9.78 -13.77 20.60
N ALA B 327 -8.60 -13.77 19.97
CA ALA B 327 -7.35 -13.40 20.60
C ALA B 327 -6.76 -12.14 19.95
N GLY B 328 -6.38 -11.16 20.77
CA GLY B 328 -5.68 -10.00 20.25
C GLY B 328 -6.56 -9.08 19.43
N GLY B 329 -5.92 -8.38 18.49
CA GLY B 329 -6.57 -7.36 17.68
C GLY B 329 -6.36 -5.96 18.23
N TYR B 330 -7.17 -5.04 17.69
CA TYR B 330 -7.04 -3.60 17.98
C TYR B 330 -8.40 -3.08 18.38
N ASP B 331 -8.48 -2.41 19.52
CA ASP B 331 -9.76 -1.95 20.06
C ASP B 331 -10.06 -0.49 19.72
N GLY B 332 -9.21 0.16 18.95
CA GLY B 332 -9.38 1.57 18.62
C GLY B 332 -8.41 2.46 19.34
N GLN B 333 -7.80 1.96 20.42
CA GLN B 333 -6.76 2.69 21.14
C GLN B 333 -5.49 1.87 21.26
N ASP B 334 -5.60 0.54 21.43
CA ASP B 334 -4.44 -0.29 21.75
C ASP B 334 -4.52 -1.63 21.06
N GLN B 335 -3.37 -2.16 20.68
CA GLN B 335 -3.28 -3.57 20.35
C GLN B 335 -3.44 -4.37 21.63
N LEU B 336 -4.09 -5.53 21.50
CA LEU B 336 -4.65 -6.27 22.62
C LEU B 336 -3.85 -7.53 22.90
N ASN B 337 -3.76 -7.91 24.18
CA ASN B 337 -3.26 -9.25 24.47
C ASN B 337 -4.31 -10.12 25.13
N SER B 338 -5.50 -9.58 25.35
CA SER B 338 -6.59 -10.35 25.93
C SER B 338 -7.18 -11.33 24.91
N VAL B 339 -7.73 -12.41 25.45
CA VAL B 339 -8.36 -13.49 24.72
C VAL B 339 -9.69 -13.79 25.39
N GLU B 340 -10.75 -13.91 24.61
CA GLU B 340 -12.05 -14.29 25.14
C GLU B 340 -12.65 -15.37 24.27
N ARG B 341 -13.56 -16.13 24.85
CA ARG B 341 -14.08 -17.28 24.16
C ARG B 341 -15.58 -17.35 24.37
N TYR B 342 -16.26 -17.86 23.33
CA TYR B 342 -17.71 -17.83 23.27
C TYR B 342 -18.20 -19.27 23.41
N ASP B 343 -19.14 -19.47 24.33
CA ASP B 343 -19.81 -20.75 24.53
C ASP B 343 -21.18 -20.63 23.87
N VAL B 344 -21.46 -21.44 22.85
CA VAL B 344 -22.66 -21.19 22.07
C VAL B 344 -23.91 -21.53 22.86
N GLU B 345 -23.80 -22.40 23.87
CA GLU B 345 -25.04 -22.77 24.55
C GLU B 345 -25.41 -21.74 25.62
N THR B 346 -24.43 -21.28 26.40
CA THR B 346 -24.71 -20.21 27.35
C THR B 346 -24.73 -18.83 26.71
N GLU B 347 -24.23 -18.67 25.49
CA GLU B 347 -24.30 -17.41 24.77
C GLU B 347 -23.53 -16.30 25.47
N THR B 348 -22.43 -16.65 26.13
CA THR B 348 -21.66 -15.61 26.79
C THR B 348 -20.18 -15.71 26.38
N TRP B 349 -19.54 -14.57 26.35
CA TRP B 349 -18.11 -14.44 26.10
C TRP B 349 -17.39 -14.34 27.43
N THR B 350 -16.29 -15.06 27.57
CA THR B 350 -15.51 -15.12 28.80
C THR B 350 -14.02 -14.93 28.52
N PHE B 351 -13.37 -13.97 29.18
CA PHE B 351 -11.93 -13.87 29.09
C PHE B 351 -11.24 -15.14 29.59
N VAL B 352 -10.16 -15.52 28.92
CA VAL B 352 -9.23 -16.52 29.45
C VAL B 352 -7.88 -15.84 29.67
N ALA B 353 -6.83 -16.63 29.86
CA ALA B 353 -5.50 -16.07 30.09
C ALA B 353 -5.07 -15.21 28.91
N PRO B 354 -4.54 -14.01 29.13
CA PRO B 354 -4.02 -13.21 28.04
C PRO B 354 -2.75 -13.80 27.45
N MET B 355 -2.47 -13.44 26.18
CA MET B 355 -1.21 -13.80 25.57
C MET B 355 -0.09 -13.00 26.22
N LYS B 356 1.14 -13.48 26.06
CA LYS B 356 2.27 -12.72 26.60
C LYS B 356 2.50 -11.42 25.82
N HIS B 357 2.24 -11.42 24.51
CA HIS B 357 2.51 -10.26 23.66
C HIS B 357 1.21 -9.76 23.03
N ARG B 358 0.90 -8.48 23.24
CA ARG B 358 -0.19 -7.85 22.49
C ARG B 358 0.07 -7.95 21.00
N ARG B 359 -0.99 -8.08 20.22
CA ARG B 359 -0.75 -8.27 18.79
C ARG B 359 -2.04 -8.10 18.04
N SER B 360 -1.94 -7.52 16.85
N SER B 360 -1.93 -7.54 16.83
CA SER B 360 -3.07 -7.42 15.94
CA SER B 360 -3.04 -7.36 15.92
C SER B 360 -2.61 -7.86 14.56
C SER B 360 -2.61 -7.85 14.55
N ALA B 361 -3.58 -8.25 13.73
CA ALA B 361 -3.29 -8.85 12.43
C ALA B 361 -2.36 -10.05 12.62
N LEU B 362 -2.67 -10.88 13.61
CA LEU B 362 -1.96 -12.12 13.87
C LEU B 362 -2.51 -13.25 13.01
N GLY B 363 -1.69 -14.28 12.77
CA GLY B 363 -2.23 -15.53 12.25
C GLY B 363 -2.63 -16.46 13.40
N ILE B 364 -3.52 -17.42 13.14
CA ILE B 364 -4.03 -18.26 14.22
C ILE B 364 -4.44 -19.60 13.65
N THR B 365 -4.22 -20.65 14.44
CA THR B 365 -4.73 -21.95 14.02
C THR B 365 -4.75 -22.87 15.24
N VAL B 366 -5.40 -24.02 15.07
CA VAL B 366 -5.51 -25.03 16.12
C VAL B 366 -4.78 -26.29 15.65
N HIS B 367 -3.97 -26.87 16.52
CA HIS B 367 -3.24 -28.10 16.18
C HIS B 367 -3.10 -28.96 17.43
N GLN B 368 -3.56 -30.21 17.34
CA GLN B 368 -3.50 -31.17 18.46
C GLN B 368 -4.03 -30.56 19.75
N GLY B 369 -5.22 -29.97 19.68
CA GLY B 369 -5.85 -29.46 20.88
C GLY B 369 -5.27 -28.19 21.46
N ARG B 370 -4.37 -27.51 20.77
CA ARG B 370 -3.88 -26.22 21.27
C ARG B 370 -4.03 -25.15 20.20
N ILE B 371 -4.09 -23.90 20.65
CA ILE B 371 -4.19 -22.73 19.77
C ILE B 371 -2.79 -22.21 19.56
N TYR B 372 -2.40 -21.98 18.30
CA TYR B 372 -1.13 -21.32 17.94
C TYR B 372 -1.43 -19.96 17.34
N VAL B 373 -0.77 -18.90 17.83
CA VAL B 373 -0.88 -17.56 17.26
C VAL B 373 0.49 -17.22 16.70
N LEU B 374 0.51 -16.63 15.51
CA LEU B 374 1.75 -16.38 14.79
C LEU B 374 1.86 -14.90 14.43
N GLY B 375 2.94 -14.26 14.88
CA GLY B 375 3.26 -12.94 14.34
C GLY B 375 2.26 -11.88 14.74
N GLY B 376 2.13 -10.85 13.90
CA GLY B 376 1.27 -9.73 14.20
C GLY B 376 2.07 -8.45 14.41
N TYR B 377 1.35 -7.36 14.69
CA TYR B 377 1.93 -6.05 14.92
C TYR B 377 1.57 -5.61 16.34
N ASP B 378 2.53 -5.07 17.09
CA ASP B 378 2.19 -4.71 18.46
C ASP B 378 2.13 -3.20 18.68
N GLY B 379 2.07 -2.42 17.60
CA GLY B 379 2.14 -0.98 17.70
C GLY B 379 3.50 -0.41 17.40
N HIS B 380 4.55 -1.23 17.53
CA HIS B 380 5.93 -0.81 17.23
C HIS B 380 6.73 -1.85 16.47
N THR B 381 6.49 -3.14 16.71
CA THR B 381 7.27 -4.24 16.19
C THR B 381 6.38 -5.18 15.37
N PHE B 382 6.91 -5.72 14.30
CA PHE B 382 6.32 -6.87 13.66
C PHE B 382 6.87 -8.10 14.36
N LEU B 383 5.98 -8.89 14.95
CA LEU B 383 6.36 -9.99 15.82
C LEU B 383 6.83 -11.20 15.05
N ASP B 384 7.85 -11.89 15.58
CA ASP B 384 8.13 -13.23 15.10
C ASP B 384 7.70 -14.29 16.10
N SER B 385 7.13 -13.88 17.22
CA SER B 385 6.76 -14.79 18.29
C SER B 385 5.58 -15.68 17.89
N VAL B 386 5.68 -16.97 18.22
CA VAL B 386 4.57 -17.92 18.13
C VAL B 386 4.27 -18.36 19.55
N GLU B 387 3.04 -18.14 19.98
CA GLU B 387 2.58 -18.56 21.28
C GLU B 387 1.55 -19.67 21.13
N CYS B 388 1.46 -20.51 22.13
CA CYS B 388 0.68 -21.72 22.08
C CYS B 388 -0.17 -21.77 23.34
N TYR B 389 -1.48 -21.90 23.17
CA TYR B 389 -2.42 -21.91 24.31
C TYR B 389 -2.80 -23.34 24.64
N ASP B 390 -2.64 -23.70 25.92
CA ASP B 390 -3.07 -25.00 26.41
C ASP B 390 -4.39 -24.81 27.17
N PRO B 391 -5.52 -25.25 26.63
CA PRO B 391 -6.79 -24.99 27.31
C PRO B 391 -6.91 -25.76 28.63
N ASP B 392 -6.19 -26.87 28.77
CA ASP B 392 -6.23 -27.65 30.01
C ASP B 392 -5.69 -26.85 31.20
N THR B 393 -4.49 -26.29 31.06
CA THR B 393 -3.91 -25.47 32.11
C THR B 393 -4.26 -23.98 32.01
N ASP B 394 -4.99 -23.56 30.98
CA ASP B 394 -5.26 -22.13 30.72
C ASP B 394 -3.98 -21.30 30.77
N THR B 395 -2.95 -21.73 30.03
CA THR B 395 -1.71 -20.96 29.96
C THR B 395 -1.18 -20.85 28.52
N TRP B 396 -0.48 -19.75 28.25
CA TRP B 396 0.24 -19.54 27.00
C TRP B 396 1.73 -19.76 27.24
N SER B 397 2.39 -20.38 26.27
CA SER B 397 3.85 -20.46 26.28
C SER B 397 4.36 -20.06 24.90
N GLU B 398 5.58 -19.55 24.87
CA GLU B 398 6.21 -19.26 23.59
C GLU B 398 6.89 -20.52 23.08
N VAL B 399 6.55 -20.94 21.87
CA VAL B 399 6.94 -22.24 21.37
C VAL B 399 8.01 -22.15 20.29
N THR B 400 8.04 -21.08 19.51
CA THR B 400 9.03 -20.97 18.46
C THR B 400 8.98 -19.54 17.96
N ARG B 401 9.91 -19.21 17.09
CA ARG B 401 9.90 -17.93 16.42
C ARG B 401 9.77 -18.20 14.93
N MET B 402 9.08 -17.30 14.24
CA MET B 402 9.14 -17.38 12.79
C MET B 402 10.53 -16.95 12.36
N THR B 403 10.89 -17.33 11.14
CA THR B 403 12.18 -16.93 10.60
C THR B 403 12.34 -15.41 10.48
N SER B 404 11.24 -14.65 10.49
CA SER B 404 11.32 -13.18 10.53
C SER B 404 9.94 -12.64 10.92
N GLY B 405 9.94 -11.48 11.58
CA GLY B 405 8.68 -10.92 12.03
C GLY B 405 7.83 -10.43 10.86
N ARG B 406 6.51 -10.49 11.05
CA ARG B 406 5.57 -10.14 9.99
C ARG B 406 4.16 -10.07 10.57
N SER B 407 3.29 -9.28 9.92
CA SER B 407 1.88 -9.27 10.26
C SER B 407 1.07 -9.68 9.04
N GLY B 408 -0.23 -9.92 9.27
CA GLY B 408 -1.17 -10.21 8.18
C GLY B 408 -0.95 -11.50 7.42
N VAL B 409 -0.44 -12.57 8.08
CA VAL B 409 -0.25 -13.87 7.43
C VAL B 409 -1.58 -14.59 7.27
N GLY B 410 -1.65 -15.49 6.29
CA GLY B 410 -2.64 -16.57 6.30
C GLY B 410 -2.03 -17.85 6.87
N VAL B 411 -2.83 -18.62 7.61
CA VAL B 411 -2.34 -19.80 8.35
C VAL B 411 -3.33 -20.95 8.20
N ALA B 412 -2.81 -22.17 8.08
CA ALA B 412 -3.66 -23.37 8.05
C ALA B 412 -2.83 -24.62 8.40
N VAL B 413 -3.53 -25.70 8.74
CA VAL B 413 -2.91 -26.95 9.18
C VAL B 413 -3.30 -28.08 8.24
N THR B 414 -2.30 -28.79 7.69
CA THR B 414 -2.55 -30.03 6.94
C THR B 414 -1.33 -30.96 6.98
N GLU C 3 -3.82 -1.30 13.14
CA GLU C 3 -4.11 -2.72 13.34
C GLU C 3 -3.14 -3.62 12.57
N THR C 4 -2.55 -3.14 11.34
CA THR C 4 -1.67 -4.09 10.67
C THR C 4 -0.20 -3.66 10.65
N GLY C 5 0.14 -2.29 11.03
CA GLY C 5 1.53 -1.78 10.97
C GLY C 5 1.90 -1.38 9.52
N GLU C 6 0.92 -1.57 8.44
CA GLU C 6 1.34 -1.23 7.08
C GLU C 6 1.49 0.28 6.87
N LEU C 7 2.58 0.69 5.99
CA LEU C 7 2.82 2.11 5.70
C LEU C 7 2.08 2.48 4.41
#